data_3HHI
#
_entry.id   3HHI
#
_cell.length_a   53.881
_cell.length_b   75.134
_cell.length_c   75.900
_cell.angle_alpha   90.00
_cell.angle_beta   105.02
_cell.angle_gamma   90.00
#
_symmetry.space_group_name_H-M   'P 1 21 1'
#
loop_
_entity.id
_entity.type
_entity.pdbx_description
1 polymer 'Cathepsin B-like cysteine protease'
2 non-polymer [PROPYLAMINO-3-HYDROXY-BUTAN-1,4-DIONYL]-ISOLEUCYL-PROLINE
3 non-polymer 2-AMINO-2-HYDROXYMETHYL-PROPANE-1,3-DIOL
4 non-polymer GLYCEROL
5 non-polymer 'MAGNESIUM ION'
6 non-polymer 'LITHIUM ION'
7 water water
#
_entity_poly.entity_id   1
_entity_poly.type   'polypeptide(L)'
_entity_poly.pdbx_seq_one_letter_code
;ALVAEDAPVLSKAFVDRVNRLNRGIWKAKYDGVMQNITLREAKRLNGVIKKNNNASILPKRRFTEEEARAPLPSSFDSAE
AWPNCPTIPQIADQSACGSCWAVAAASAMSDRFCTMGGVQDVHISAGDLLACCSDCGDGCNGGDPDRAWAYFSSTGLVSD
YCQPYPFPHCSHHSKSKNGYPPCSQFNFDTPKCDYTCDDPTIPVVNYRSWTSYALQGEDDYMRELFFRGPFEVAFDVYED
FIAYNSGVYHHVSGQYLGGHAVRLVGWGTSNGVPYWKIANSWNTEWGMDGYFLIRRGSSECGIEDGGSAGIPLAPNTAHH
HHHHH
;
_entity_poly.pdbx_strand_id   A,B
#
# COMPACT_ATOMS: atom_id res chain seq x y z
N SER A 56 -1.78 -22.33 -17.40
CA SER A 56 -1.38 -22.93 -16.06
C SER A 56 -2.35 -23.97 -15.60
N ILE A 57 -1.84 -24.97 -14.91
CA ILE A 57 -2.69 -25.93 -14.22
C ILE A 57 -3.42 -25.32 -13.01
N LEU A 58 -2.98 -24.15 -12.54
CA LEU A 58 -3.61 -23.48 -11.42
C LEU A 58 -4.68 -22.51 -11.94
N PRO A 59 -5.67 -22.25 -11.12
CA PRO A 59 -6.55 -21.09 -11.39
C PRO A 59 -5.74 -19.82 -11.32
N LYS A 60 -6.13 -18.83 -12.16
CA LYS A 60 -5.46 -17.53 -12.18
C LYS A 60 -5.98 -16.66 -11.00
N ARG A 61 -5.11 -15.98 -10.30
CA ARG A 61 -5.52 -15.04 -9.27
C ARG A 61 -6.52 -13.98 -9.79
N ARG A 62 -7.54 -13.76 -8.98
CA ARG A 62 -8.47 -12.66 -9.15
C ARG A 62 -8.36 -11.78 -7.95
N PHE A 63 -8.13 -10.50 -8.20
CA PHE A 63 -8.12 -9.48 -7.12
C PHE A 63 -9.48 -8.91 -6.86
N THR A 64 -9.76 -8.66 -5.59
CA THR A 64 -10.99 -7.97 -5.25
C THR A 64 -10.94 -6.54 -5.76
N GLU A 65 -12.13 -5.91 -5.83
CA GLU A 65 -12.22 -4.51 -6.25
C GLU A 65 -11.34 -3.63 -5.36
N GLU A 66 -11.32 -3.93 -4.08
CA GLU A 66 -10.51 -3.16 -3.12
C GLU A 66 -9.04 -3.42 -3.32
N GLU A 67 -8.61 -4.68 -3.47
CA GLU A 67 -7.22 -4.96 -3.80
C GLU A 67 -6.75 -4.23 -5.07
N ALA A 68 -7.59 -4.29 -6.09
CA ALA A 68 -7.27 -3.78 -7.43
C ALA A 68 -6.95 -2.27 -7.41
N ARG A 69 -7.68 -1.54 -6.60
CA ARG A 69 -7.51 -0.06 -6.55
C ARG A 69 -6.45 0.44 -5.54
N ALA A 70 -5.81 -0.46 -4.75
CA ALA A 70 -4.71 -0.05 -3.84
C ALA A 70 -3.69 0.71 -4.66
N PRO A 71 -3.28 1.90 -4.20
CA PRO A 71 -2.19 2.62 -4.90
C PRO A 71 -0.81 2.12 -4.44
N LEU A 72 -0.28 1.19 -5.21
CA LEU A 72 0.94 0.52 -4.72
C LEU A 72 2.14 1.49 -4.65
N PRO A 73 2.95 1.38 -3.59
CA PRO A 73 4.08 2.30 -3.43
C PRO A 73 5.16 2.12 -4.53
N SER A 74 5.97 3.15 -4.74
CA SER A 74 7.01 3.08 -5.75
C SER A 74 8.13 2.05 -5.40
N SER A 75 8.25 1.69 -4.13
CA SER A 75 9.10 0.60 -3.72
C SER A 75 8.42 -0.19 -2.60
N PHE A 76 8.87 -1.41 -2.44
CA PHE A 76 8.35 -2.31 -1.43
C PHE A 76 9.34 -3.39 -1.15
N ASP A 77 9.42 -3.76 0.14
CA ASP A 77 10.29 -4.85 0.59
C ASP A 77 9.52 -5.71 1.57
N SER A 78 9.36 -7.00 1.25
CA SER A 78 8.61 -7.90 2.14
C SER A 78 9.07 -7.89 3.61
N ALA A 79 10.39 -7.93 3.84
CA ALA A 79 10.88 -7.98 5.21
C ALA A 79 10.53 -6.70 5.94
N GLU A 80 10.52 -5.55 5.26
CA GLU A 80 10.08 -4.29 5.83
C GLU A 80 8.57 -4.26 6.05
N ALA A 81 7.79 -4.88 5.19
CA ALA A 81 6.32 -4.88 5.30
C ALA A 81 5.86 -5.74 6.50
N TRP A 82 6.55 -6.88 6.68
CA TRP A 82 6.22 -7.83 7.76
C TRP A 82 7.51 -8.02 8.62
N PRO A 83 7.88 -7.04 9.43
CA PRO A 83 9.13 -7.14 10.21
C PRO A 83 9.17 -8.21 11.28
N ASN A 84 8.00 -8.73 11.66
CA ASN A 84 7.94 -9.80 12.63
C ASN A 84 7.94 -11.19 12.01
N CYS A 85 8.28 -11.30 10.72
CA CYS A 85 8.28 -12.63 10.03
C CYS A 85 9.75 -12.97 9.70
N PRO A 86 10.40 -13.71 10.62
CA PRO A 86 11.87 -13.90 10.48
C PRO A 86 12.34 -14.78 9.30
N THR A 87 11.43 -15.55 8.70
CA THR A 87 11.83 -16.35 7.58
C THR A 87 12.14 -15.54 6.35
N ILE A 88 11.49 -14.38 6.25
CA ILE A 88 11.61 -13.61 5.00
C ILE A 88 13.05 -13.25 4.59
N PRO A 89 13.85 -12.73 5.51
CA PRO A 89 15.20 -12.39 5.14
C PRO A 89 16.18 -13.54 5.05
N GLN A 90 15.74 -14.75 5.33
CA GLN A 90 16.63 -15.90 5.29
C GLN A 90 16.84 -16.39 3.89
N ILE A 91 18.10 -16.47 3.50
CA ILE A 91 18.47 -16.94 2.18
C ILE A 91 18.81 -18.45 2.20
N ALA A 92 18.25 -19.16 1.26
CA ALA A 92 18.39 -20.60 1.13
C ALA A 92 19.64 -20.99 0.39
N ASP A 93 20.06 -22.25 0.53
CA ASP A 93 21.15 -22.84 -0.22
C ASP A 93 20.63 -24.18 -0.73
N GLN A 94 20.26 -24.23 -2.03
CA GLN A 94 19.79 -25.50 -2.62
C GLN A 94 20.87 -26.59 -2.77
N SER A 95 22.14 -26.19 -2.55
CA SER A 95 23.24 -27.14 -2.65
C SER A 95 23.42 -27.60 -4.10
N ALA A 96 24.12 -28.74 -4.27
CA ALA A 96 24.49 -29.26 -5.62
C ALA A 96 23.40 -30.19 -6.16
N CYS A 97 22.22 -29.61 -6.35
CA CYS A 97 20.97 -30.35 -6.63
C CYS A 97 20.19 -29.33 -7.45
N GLY A 98 19.57 -29.74 -8.55
CA GLY A 98 18.74 -28.84 -9.33
C GLY A 98 17.33 -28.73 -8.78
N SER A 99 17.22 -28.34 -7.52
CA SER A 99 15.93 -28.30 -6.78
C SER A 99 15.38 -26.91 -6.60
N CYS A 100 15.78 -25.95 -7.44
CA CYS A 100 15.34 -24.56 -7.28
C CYS A 100 13.81 -24.48 -7.17
N TRP A 101 13.14 -25.30 -7.97
CA TRP A 101 11.66 -25.28 -8.00
C TRP A 101 11.04 -25.56 -6.60
N ALA A 102 11.67 -26.46 -5.83
CA ALA A 102 11.16 -26.88 -4.52
C ALA A 102 11.69 -25.93 -3.44
N VAL A 103 12.95 -25.46 -3.53
CA VAL A 103 13.51 -24.57 -2.50
C VAL A 103 12.82 -23.18 -2.55
N ALA A 104 12.62 -22.62 -3.73
CA ALA A 104 11.95 -21.31 -3.83
C ALA A 104 10.52 -21.44 -3.31
N ALA A 105 9.87 -22.55 -3.66
CA ALA A 105 8.49 -22.79 -3.15
C ALA A 105 8.43 -22.86 -1.60
N ALA A 106 9.27 -23.74 -1.00
CA ALA A 106 9.26 -23.92 0.41
C ALA A 106 9.58 -22.63 1.16
N SER A 107 10.59 -21.89 0.69
CA SER A 107 10.93 -20.64 1.33
C SER A 107 9.68 -19.72 1.37
N ALA A 108 9.06 -19.51 0.22
CA ALA A 108 7.86 -18.65 0.19
C ALA A 108 6.67 -19.16 1.03
N MET A 109 6.49 -20.46 1.02
CA MET A 109 5.50 -21.08 1.84
C MET A 109 5.74 -20.77 3.33
N SER A 110 6.98 -20.88 3.77
CA SER A 110 7.39 -20.53 5.13
C SER A 110 6.99 -19.06 5.42
N ASP A 111 7.38 -18.15 4.52
CA ASP A 111 7.09 -16.72 4.66
C ASP A 111 5.56 -16.51 4.79
N ARG A 112 4.75 -17.18 3.96
CA ARG A 112 3.29 -16.97 3.94
C ARG A 112 2.64 -17.55 5.21
N PHE A 113 3.28 -18.56 5.84
CA PHE A 113 2.77 -19.03 7.10
C PHE A 113 2.70 -17.91 8.10
N CYS A 114 3.67 -16.99 7.95
CA CYS A 114 3.77 -15.83 8.84
C CYS A 114 2.91 -14.65 8.31
N THR A 115 2.99 -14.38 6.98
CA THR A 115 2.21 -13.22 6.45
C THR A 115 0.67 -13.45 6.43
N MET A 116 0.22 -14.72 6.41
CA MET A 116 -1.19 -15.07 6.30
C MET A 116 -1.67 -16.14 7.29
N GLY A 117 -0.82 -17.10 7.60
CA GLY A 117 -1.25 -18.33 8.28
C GLY A 117 -1.11 -18.31 9.83
N GLY A 118 -0.75 -17.17 10.44
CA GLY A 118 -0.67 -17.09 11.88
C GLY A 118 0.43 -17.83 12.60
N VAL A 119 1.46 -18.21 11.85
CA VAL A 119 2.64 -18.97 12.34
C VAL A 119 3.94 -18.22 12.03
N GLN A 120 4.63 -17.78 13.09
CA GLN A 120 5.70 -16.83 12.91
C GLN A 120 6.97 -17.43 12.32
N ASP A 121 7.32 -18.68 12.67
CA ASP A 121 8.60 -19.21 12.30
C ASP A 121 8.53 -20.70 12.07
N VAL A 122 7.86 -21.08 11.00
CA VAL A 122 7.92 -22.48 10.52
C VAL A 122 8.61 -22.49 9.16
N HIS A 123 9.67 -23.30 9.04
CA HIS A 123 10.37 -23.48 7.74
C HIS A 123 9.84 -24.69 7.08
N ILE A 124 9.13 -24.50 5.98
CA ILE A 124 8.59 -25.68 5.24
C ILE A 124 9.73 -26.48 4.60
N SER A 125 9.64 -27.81 4.56
CA SER A 125 10.71 -28.66 4.10
C SER A 125 10.75 -28.74 2.58
N ALA A 126 11.77 -28.12 1.97
CA ALA A 126 12.06 -28.36 0.55
C ALA A 126 12.46 -29.80 0.27
N GLY A 127 13.05 -30.48 1.26
CA GLY A 127 13.48 -31.87 1.09
C GLY A 127 12.29 -32.79 0.86
N ASP A 128 11.26 -32.63 1.68
CA ASP A 128 9.99 -33.36 1.53
C ASP A 128 9.41 -33.10 0.14
N LEU A 129 9.26 -31.84 -0.22
CA LEU A 129 8.74 -31.49 -1.56
C LEU A 129 9.53 -32.11 -2.71
N LEU A 130 10.83 -31.98 -2.67
CA LEU A 130 11.65 -32.45 -3.79
C LEU A 130 11.71 -33.97 -3.93
N ALA A 131 11.59 -34.71 -2.84
CA ALA A 131 11.68 -36.20 -2.83
C ALA A 131 10.30 -36.80 -3.00
N CYS A 132 9.31 -36.14 -2.43
CA CYS A 132 7.95 -36.74 -2.30
C CYS A 132 6.98 -36.36 -3.42
N CYS A 133 7.13 -35.18 -4.05
CA CYS A 133 6.25 -34.81 -5.13
C CYS A 133 6.92 -35.30 -6.41
N SER A 134 6.85 -36.61 -6.64
CA SER A 134 7.46 -37.25 -7.77
C SER A 134 6.84 -36.77 -9.07
N ASP A 135 5.57 -36.37 -9.00
CA ASP A 135 4.86 -35.78 -10.14
C ASP A 135 5.08 -34.29 -10.45
N CYS A 136 5.73 -33.58 -9.53
CA CYS A 136 6.13 -32.21 -9.76
C CYS A 136 7.26 -32.13 -10.77
N GLY A 137 7.96 -33.24 -10.98
CA GLY A 137 9.12 -33.22 -11.86
C GLY A 137 10.06 -34.34 -11.51
N ASP A 138 11.36 -34.05 -11.54
CA ASP A 138 12.38 -35.08 -11.34
C ASP A 138 13.42 -34.66 -10.29
N GLY A 139 12.92 -34.16 -9.19
CA GLY A 139 13.73 -33.95 -8.00
C GLY A 139 14.92 -33.02 -8.28
N CYS A 140 16.13 -33.51 -8.04
CA CYS A 140 17.33 -32.74 -8.34
C CYS A 140 17.60 -32.50 -9.82
N ASN A 141 16.77 -33.06 -10.72
CA ASN A 141 16.92 -32.81 -12.15
C ASN A 141 15.84 -31.82 -12.62
N GLY A 142 15.24 -31.09 -11.69
CA GLY A 142 14.36 -29.96 -12.01
C GLY A 142 12.89 -30.31 -11.85
N GLY A 143 12.03 -29.31 -11.93
CA GLY A 143 10.64 -29.53 -11.64
C GLY A 143 9.76 -28.30 -11.89
N ASP A 144 8.52 -28.37 -11.43
CA ASP A 144 7.52 -27.39 -11.84
C ASP A 144 6.94 -26.60 -10.64
N PRO A 145 7.13 -25.31 -10.61
CA PRO A 145 6.63 -24.47 -9.51
C PRO A 145 5.13 -24.60 -9.30
N ASP A 146 4.33 -24.54 -10.36
CA ASP A 146 2.87 -24.62 -10.13
C ASP A 146 2.42 -25.93 -9.44
N ARG A 147 2.98 -27.05 -9.88
CA ARG A 147 2.71 -28.35 -9.27
CA ARG A 147 2.69 -28.33 -9.27
C ARG A 147 3.21 -28.39 -7.80
N ALA A 148 4.34 -27.74 -7.51
CA ALA A 148 4.78 -27.66 -6.10
C ALA A 148 3.73 -27.03 -5.17
N TRP A 149 3.14 -25.91 -5.60
CA TRP A 149 2.12 -25.22 -4.82
C TRP A 149 0.86 -26.10 -4.76
N ALA A 150 0.45 -26.71 -5.88
CA ALA A 150 -0.65 -27.67 -5.83
C ALA A 150 -0.45 -28.81 -4.82
N TYR A 151 0.77 -29.31 -4.70
CA TYR A 151 1.08 -30.42 -3.77
C TYR A 151 0.92 -29.98 -2.30
N PHE A 152 1.35 -28.76 -2.08
CA PHE A 152 1.21 -28.14 -0.73
C PHE A 152 -0.28 -28.08 -0.35
N SER A 153 -1.15 -27.84 -1.32
CA SER A 153 -2.59 -27.82 -1.06
C SER A 153 -3.20 -29.25 -0.96
N SER A 154 -2.84 -30.14 -1.89
CA SER A 154 -3.51 -31.45 -1.95
C SER A 154 -3.01 -32.47 -0.94
N THR A 155 -1.75 -32.32 -0.57
CA THR A 155 -1.03 -33.36 0.12
C THR A 155 -0.34 -32.90 1.39
N GLY A 156 0.34 -31.77 1.27
CA GLY A 156 0.97 -31.10 2.43
C GLY A 156 2.44 -31.44 2.57
N LEU A 157 3.14 -30.59 3.36
CA LEU A 157 4.58 -30.66 3.53
C LEU A 157 4.90 -30.54 5.05
N VAL A 158 5.89 -31.33 5.50
CA VAL A 158 6.40 -31.22 6.87
C VAL A 158 7.34 -30.02 6.95
N SER A 159 7.73 -29.68 8.17
CA SER A 159 8.73 -28.60 8.37
C SER A 159 10.12 -29.15 8.24
N ASP A 160 11.07 -28.26 8.11
CA ASP A 160 12.47 -28.62 8.06
C ASP A 160 13.07 -29.01 9.43
N TYR A 161 12.25 -28.92 10.47
CA TYR A 161 12.57 -29.51 11.75
C TYR A 161 12.35 -31.03 11.69
N CYS A 162 11.25 -31.44 11.04
CA CYS A 162 10.90 -32.82 10.77
C CYS A 162 11.84 -33.41 9.73
N GLN A 163 12.01 -32.69 8.61
CA GLN A 163 12.88 -33.19 7.52
C GLN A 163 13.85 -32.09 7.05
N PRO A 164 14.97 -31.93 7.74
CA PRO A 164 15.95 -30.94 7.40
C PRO A 164 16.48 -31.16 5.97
N TYR A 165 16.87 -30.07 5.37
CA TYR A 165 17.35 -30.13 3.96
C TYR A 165 18.57 -31.08 3.92
N PRO A 166 18.54 -32.06 3.02
CA PRO A 166 19.54 -33.13 3.15
C PRO A 166 20.95 -32.82 2.63
N PHE A 167 21.16 -31.67 2.00
CA PHE A 167 22.40 -31.35 1.27
C PHE A 167 23.07 -30.13 1.86
N PRO A 168 24.42 -30.18 2.01
CA PRO A 168 25.20 -29.15 2.71
C PRO A 168 25.43 -27.91 1.87
N HIS A 169 25.78 -26.82 2.53
CA HIS A 169 26.30 -25.66 1.84
C HIS A 169 27.37 -25.99 0.82
N CYS A 170 27.31 -25.29 -0.29
CA CYS A 170 28.38 -25.33 -1.29
C CYS A 170 28.46 -24.00 -2.03
N SER A 171 29.59 -23.72 -2.68
CA SER A 171 29.80 -22.44 -3.36
C SER A 171 29.37 -22.55 -4.81
N HIS A 172 28.46 -21.65 -5.18
CA HIS A 172 27.81 -21.67 -6.49
C HIS A 172 28.51 -20.66 -7.39
N HIS A 173 29.24 -21.15 -8.34
CA HIS A 173 29.90 -20.23 -9.29
C HIS A 173 30.76 -19.10 -8.63
N SER A 174 31.43 -19.41 -7.52
CA SER A 174 32.42 -18.48 -6.92
C SER A 174 33.28 -19.21 -5.88
N LYS A 175 34.37 -18.57 -5.45
CA LYS A 175 35.18 -19.05 -4.32
C LYS A 175 34.56 -18.58 -3.00
N SER A 176 34.37 -19.50 -2.04
CA SER A 176 33.66 -19.21 -0.79
C SER A 176 34.56 -18.67 0.36
N LYS A 177 34.21 -17.51 0.92
CA LYS A 177 34.93 -17.01 2.13
C LYS A 177 34.66 -17.87 3.37
N ASN A 178 33.49 -18.50 3.39
CA ASN A 178 33.16 -19.41 4.48
C ASN A 178 33.84 -20.74 4.39
N GLY A 179 34.53 -21.03 3.29
CA GLY A 179 35.19 -22.33 3.13
C GLY A 179 34.29 -23.43 2.61
N TYR A 180 33.19 -23.07 1.95
CA TYR A 180 32.33 -24.10 1.39
C TYR A 180 33.00 -24.72 0.19
N PRO A 181 32.88 -26.02 0.06
CA PRO A 181 33.37 -26.64 -1.15
C PRO A 181 32.54 -26.20 -2.36
N PRO A 182 33.16 -26.16 -3.54
CA PRO A 182 32.44 -25.81 -4.76
C PRO A 182 31.36 -26.84 -5.02
N CYS A 183 30.18 -26.41 -5.42
CA CYS A 183 29.07 -27.32 -5.71
C CYS A 183 29.46 -28.34 -6.80
N SER A 184 30.43 -27.97 -7.65
CA SER A 184 30.87 -28.85 -8.75
C SER A 184 31.54 -30.14 -8.25
N GLN A 185 31.96 -30.18 -6.98
CA GLN A 185 32.56 -31.39 -6.38
C GLN A 185 31.56 -32.45 -5.87
N PHE A 186 30.27 -32.11 -5.79
CA PHE A 186 29.29 -33.04 -5.23
C PHE A 186 28.44 -33.76 -6.28
N ASN A 187 28.20 -35.07 -6.06
CA ASN A 187 27.29 -35.84 -6.90
C ASN A 187 26.01 -36.27 -6.15
N PHE A 188 24.96 -35.42 -6.21
CA PHE A 188 23.69 -35.63 -5.43
C PHE A 188 22.46 -36.02 -6.25
N ASP A 189 21.99 -37.22 -6.00
CA ASP A 189 20.72 -37.72 -6.54
C ASP A 189 19.56 -37.28 -5.62
N THR A 190 18.37 -37.20 -6.18
CA THR A 190 17.15 -37.07 -5.44
C THR A 190 17.08 -38.13 -4.34
N PRO A 191 16.83 -37.69 -3.09
CA PRO A 191 16.65 -38.67 -2.00
C PRO A 191 15.33 -39.42 -2.12
N LYS A 192 15.24 -40.57 -1.45
CA LYS A 192 13.99 -41.28 -1.33
C LYS A 192 13.03 -40.46 -0.49
N CYS A 193 11.76 -40.49 -0.83
CA CYS A 193 10.72 -39.87 0.01
C CYS A 193 10.51 -40.64 1.33
N ASP A 194 10.61 -39.93 2.45
CA ASP A 194 10.33 -40.47 3.79
C ASP A 194 9.05 -39.84 4.31
N TYR A 195 8.27 -40.59 5.07
CA TYR A 195 6.96 -40.13 5.54
C TYR A 195 6.92 -39.90 7.06
N THR A 196 8.06 -40.07 7.70
CA THR A 196 8.22 -39.72 9.13
C THR A 196 9.38 -38.74 9.26
N CYS A 197 9.55 -38.17 10.44
CA CYS A 197 10.70 -37.25 10.64
C CYS A 197 12.05 -38.00 10.64
N ASP A 198 13.13 -37.29 10.29
CA ASP A 198 14.43 -37.92 10.19
C ASP A 198 14.85 -38.51 11.54
N ASP A 199 14.58 -37.73 12.59
CA ASP A 199 14.51 -38.21 13.97
C ASP A 199 13.10 -38.68 14.25
N PRO A 200 12.87 -39.98 14.28
CA PRO A 200 11.50 -40.48 14.32
C PRO A 200 10.79 -40.24 15.64
N THR A 201 11.50 -39.71 16.64
CA THR A 201 10.81 -39.37 17.90
C THR A 201 10.13 -38.00 17.82
N ILE A 202 10.43 -37.24 16.76
CA ILE A 202 9.74 -35.97 16.48
C ILE A 202 8.43 -36.28 15.74
N PRO A 203 7.28 -35.91 16.30
CA PRO A 203 6.03 -36.19 15.55
C PRO A 203 5.87 -35.39 14.28
N VAL A 204 5.33 -36.03 13.27
CA VAL A 204 5.05 -35.36 12.01
C VAL A 204 3.95 -34.34 12.20
N VAL A 205 4.22 -33.13 11.75
CA VAL A 205 3.20 -32.07 11.62
C VAL A 205 3.14 -31.73 10.14
N ASN A 206 2.03 -32.08 9.49
CA ASN A 206 1.89 -31.85 8.03
C ASN A 206 1.14 -30.54 7.84
N TYR A 207 1.78 -29.62 7.10
CA TYR A 207 1.27 -28.31 6.86
C TYR A 207 0.70 -28.24 5.44
N ARG A 208 -0.46 -27.60 5.30
CA ARG A 208 -1.09 -27.49 3.96
C ARG A 208 -1.53 -26.03 3.71
N SER A 209 -1.67 -25.71 2.42
CA SER A 209 -2.43 -24.57 1.98
C SER A 209 -3.86 -24.97 1.62
N TRP A 210 -4.76 -24.00 1.59
CA TRP A 210 -6.13 -24.33 1.20
C TRP A 210 -6.49 -23.95 -0.22
N THR A 211 -5.60 -23.18 -0.85
CA THR A 211 -5.79 -22.82 -2.25
C THR A 211 -4.46 -22.43 -2.88
N SER A 212 -4.38 -22.56 -4.19
CA SER A 212 -3.17 -22.23 -4.96
C SER A 212 -3.60 -21.48 -6.21
N TYR A 213 -2.74 -20.61 -6.75
CA TYR A 213 -3.10 -19.85 -7.91
C TYR A 213 -1.90 -19.31 -8.61
N ALA A 214 -2.10 -18.98 -9.89
CA ALA A 214 -1.10 -18.41 -10.77
C ALA A 214 -1.22 -16.86 -10.90
N LEU A 215 -0.08 -16.23 -11.08
CA LEU A 215 0.03 -14.76 -11.30
C LEU A 215 0.74 -14.59 -12.62
N GLN A 216 0.41 -13.50 -13.35
CA GLN A 216 1.15 -13.15 -14.55
C GLN A 216 1.18 -11.64 -14.70
N GLY A 217 2.35 -11.12 -15.10
CA GLY A 217 2.50 -9.72 -15.45
C GLY A 217 2.88 -8.85 -14.28
N GLU A 218 3.39 -7.67 -14.57
CA GLU A 218 3.90 -6.78 -13.54
C GLU A 218 2.90 -6.38 -12.46
N ASP A 219 1.68 -6.00 -12.85
CA ASP A 219 0.71 -5.57 -11.83
C ASP A 219 0.28 -6.71 -10.90
N ASP A 220 0.00 -7.87 -11.45
CA ASP A 220 -0.42 -9.03 -10.66
C ASP A 220 0.71 -9.27 -9.62
N TYR A 221 1.95 -9.24 -10.08
CA TYR A 221 3.07 -9.57 -9.19
C TYR A 221 3.18 -8.57 -8.05
N MET A 222 3.21 -7.28 -8.42
CA MET A 222 3.28 -6.22 -7.39
C MET A 222 2.13 -6.27 -6.38
N ARG A 223 0.93 -6.47 -6.92
CA ARG A 223 -0.25 -6.44 -6.07
C ARG A 223 -0.32 -7.66 -5.14
N GLU A 224 0.05 -8.83 -5.68
CA GLU A 224 0.07 -10.06 -4.90
C GLU A 224 1.11 -9.94 -3.81
N LEU A 225 2.32 -9.45 -4.15
CA LEU A 225 3.34 -9.29 -3.15
C LEU A 225 2.92 -8.33 -2.03
N PHE A 226 2.30 -7.22 -2.40
CA PHE A 226 1.89 -6.21 -1.47
C PHE A 226 0.93 -6.79 -0.41
N PHE A 227 -0.07 -7.54 -0.87
CA PHE A 227 -1.14 -8.05 0.00
C PHE A 227 -0.73 -9.28 0.75
N ARG A 228 0.07 -10.15 0.12
CA ARG A 228 0.23 -11.51 0.63
C ARG A 228 1.64 -11.97 0.86
N GLY A 229 2.60 -11.24 0.33
CA GLY A 229 4.01 -11.52 0.55
C GLY A 229 4.68 -12.42 -0.50
N PRO A 230 5.91 -12.85 -0.22
CA PRO A 230 6.73 -13.54 -1.23
C PRO A 230 6.09 -14.76 -1.89
N PHE A 231 6.43 -14.94 -3.18
CA PHE A 231 5.97 -16.05 -3.94
C PHE A 231 7.01 -16.45 -5.00
N GLU A 232 6.74 -17.54 -5.69
CA GLU A 232 7.72 -18.11 -6.57
C GLU A 232 7.51 -17.66 -8.04
N VAL A 233 8.62 -17.35 -8.71
CA VAL A 233 8.63 -16.97 -10.12
C VAL A 233 9.75 -17.71 -10.82
N ALA A 234 9.74 -17.74 -12.16
CA ALA A 234 10.77 -18.49 -12.92
C ALA A 234 11.24 -17.66 -14.10
N PHE A 235 12.49 -17.85 -14.51
CA PHE A 235 13.05 -17.09 -15.61
C PHE A 235 14.11 -17.93 -16.32
N ASP A 236 14.50 -17.48 -17.51
CA ASP A 236 15.54 -18.14 -18.31
C ASP A 236 16.91 -17.63 -17.89
N VAL A 237 17.79 -18.53 -17.44
CA VAL A 237 19.14 -18.20 -17.01
C VAL A 237 20.12 -18.28 -18.18
N TYR A 238 20.85 -17.19 -18.39
CA TYR A 238 21.93 -17.10 -19.36
C TYR A 238 23.26 -16.95 -18.61
N GLU A 239 24.36 -17.18 -19.31
CA GLU A 239 25.61 -17.30 -18.59
C GLU A 239 25.98 -15.98 -17.87
N ASP A 240 25.56 -14.84 -18.41
CA ASP A 240 25.87 -13.56 -17.74
C ASP A 240 25.22 -13.38 -16.35
N PHE A 241 24.13 -14.08 -16.08
CA PHE A 241 23.50 -14.07 -14.75
C PHE A 241 24.40 -14.65 -13.67
N ILE A 242 25.19 -15.68 -14.00
CA ILE A 242 25.95 -16.44 -13.00
C ILE A 242 26.91 -15.57 -12.16
N ALA A 243 27.51 -14.60 -12.82
CA ALA A 243 28.49 -13.74 -12.12
C ALA A 243 27.88 -12.41 -11.68
N TYR A 244 26.54 -12.30 -11.65
CA TYR A 244 25.89 -11.08 -11.09
C TYR A 244 26.45 -10.74 -9.71
N ASN A 245 26.69 -9.44 -9.48
CA ASN A 245 27.12 -8.99 -8.17
C ASN A 245 26.35 -7.76 -7.67
N SER A 246 25.84 -6.92 -8.55
CA SER A 246 25.35 -5.60 -8.21
C SER A 246 24.61 -5.04 -9.40
N GLY A 247 23.81 -4.01 -9.19
CA GLY A 247 23.09 -3.43 -10.33
C GLY A 247 21.76 -4.10 -10.59
N VAL A 248 21.07 -3.63 -11.61
CA VAL A 248 19.80 -4.22 -12.04
C VAL A 248 20.13 -5.10 -13.24
N TYR A 249 20.03 -6.42 -13.05
CA TYR A 249 20.37 -7.38 -14.07
C TYR A 249 19.44 -7.26 -15.30
N HIS A 250 20.10 -7.37 -16.47
CA HIS A 250 19.45 -7.43 -17.78
CA HIS A 250 19.38 -7.64 -17.70
C HIS A 250 20.32 -8.35 -18.64
N HIS A 251 19.72 -9.26 -19.40
CA HIS A 251 20.50 -10.17 -20.22
C HIS A 251 21.11 -9.45 -21.41
N VAL A 252 22.41 -9.59 -21.54
CA VAL A 252 23.11 -9.01 -22.68
C VAL A 252 24.07 -9.94 -23.39
N SER A 253 24.56 -10.98 -22.72
CA SER A 253 25.44 -11.94 -23.37
C SER A 253 25.36 -13.26 -22.66
N GLY A 254 25.87 -14.31 -23.28
CA GLY A 254 26.01 -15.59 -22.63
C GLY A 254 24.93 -16.54 -23.14
N GLN A 255 25.26 -17.82 -23.15
CA GLN A 255 24.34 -18.87 -23.59
C GLN A 255 23.30 -19.19 -22.58
N TYR A 256 22.23 -19.78 -23.10
CA TYR A 256 21.14 -20.29 -22.26
C TYR A 256 21.58 -21.48 -21.47
N LEU A 257 21.37 -21.45 -20.17
CA LEU A 257 21.74 -22.54 -19.24
C LEU A 257 20.60 -23.32 -18.64
N GLY A 258 19.36 -22.79 -18.74
CA GLY A 258 18.19 -23.51 -18.26
C GLY A 258 17.22 -22.54 -17.62
N GLY A 259 16.14 -23.07 -17.07
CA GLY A 259 15.12 -22.29 -16.36
C GLY A 259 15.46 -22.32 -14.88
N HIS A 260 15.12 -21.25 -14.18
CA HIS A 260 15.49 -21.13 -12.77
C HIS A 260 14.28 -20.50 -12.03
N ALA A 261 13.91 -21.12 -10.91
CA ALA A 261 12.84 -20.71 -10.08
C ALA A 261 13.40 -20.06 -8.84
N VAL A 262 12.81 -18.94 -8.48
CA VAL A 262 13.32 -18.07 -7.43
C VAL A 262 12.18 -17.40 -6.64
N ARG A 263 12.53 -16.77 -5.54
CA ARG A 263 11.52 -16.14 -4.66
C ARG A 263 11.53 -14.60 -4.73
N LEU A 264 10.39 -14.06 -5.16
CA LEU A 264 10.21 -12.65 -5.33
C LEU A 264 9.86 -12.01 -4.02
N VAL A 265 10.62 -10.99 -3.64
CA VAL A 265 10.43 -10.33 -2.35
C VAL A 265 10.13 -8.84 -2.34
N GLY A 266 10.46 -8.15 -3.44
CA GLY A 266 10.23 -6.74 -3.47
C GLY A 266 10.34 -6.12 -4.86
N TRP A 267 10.17 -4.79 -4.87
CA TRP A 267 10.37 -3.96 -6.07
C TRP A 267 10.86 -2.57 -5.74
N GLY A 268 11.40 -1.89 -6.73
CA GLY A 268 11.84 -0.51 -6.52
C GLY A 268 12.28 0.07 -7.84
N THR A 269 12.91 1.25 -7.77
CA THR A 269 13.50 1.86 -8.98
C THR A 269 14.87 2.38 -8.59
N SER A 270 15.87 2.07 -9.42
CA SER A 270 17.24 2.42 -9.15
C SER A 270 17.74 3.26 -10.32
N ASN A 271 18.01 4.53 -10.05
CA ASN A 271 18.42 5.45 -11.12
C ASN A 271 17.52 5.40 -12.34
N GLY A 272 16.21 5.40 -12.13
CA GLY A 272 15.29 5.45 -13.26
C GLY A 272 14.94 4.10 -13.85
N VAL A 273 15.56 3.04 -13.33
CA VAL A 273 15.35 1.69 -13.85
C VAL A 273 14.50 0.91 -12.87
N PRO A 274 13.26 0.53 -13.28
CA PRO A 274 12.45 -0.24 -12.38
C PRO A 274 12.98 -1.67 -12.27
N TYR A 275 12.88 -2.25 -11.05
CA TYR A 275 13.42 -3.57 -10.81
C TYR A 275 12.55 -4.39 -9.89
N TRP A 276 12.83 -5.69 -9.88
CA TRP A 276 12.37 -6.63 -8.86
C TRP A 276 13.52 -6.99 -8.00
N LYS A 277 13.26 -7.16 -6.70
CA LYS A 277 14.21 -7.74 -5.74
C LYS A 277 13.86 -9.21 -5.53
N ILE A 278 14.86 -10.05 -5.78
CA ILE A 278 14.68 -11.51 -5.82
C ILE A 278 15.69 -12.17 -4.87
N ALA A 279 15.20 -13.12 -4.07
CA ALA A 279 16.05 -13.98 -3.26
C ALA A 279 16.41 -15.22 -4.07
N ASN A 280 17.70 -15.36 -4.38
CA ASN A 280 18.17 -16.59 -5.00
C ASN A 280 18.40 -17.64 -3.91
N SER A 281 18.77 -18.84 -4.32
CA SER A 281 18.94 -20.04 -3.44
C SER A 281 20.36 -20.57 -3.49
N TRP A 282 21.30 -19.66 -3.66
CA TRP A 282 22.69 -19.98 -3.80
C TRP A 282 23.54 -19.48 -2.61
N ASN A 283 22.91 -19.36 -1.45
CA ASN A 283 23.50 -18.85 -0.18
C ASN A 283 23.81 -17.34 -0.24
N THR A 284 24.23 -16.78 0.89
CA THR A 284 24.44 -15.32 0.97
C THR A 284 25.73 -14.82 0.31
N GLU A 285 26.61 -15.73 -0.03
CA GLU A 285 27.88 -15.36 -0.66
C GLU A 285 27.73 -15.02 -2.15
N TRP A 286 26.63 -15.46 -2.77
CA TRP A 286 26.33 -15.14 -4.17
C TRP A 286 25.58 -13.79 -4.26
N GLY A 287 25.91 -12.99 -5.29
CA GLY A 287 25.07 -11.82 -5.64
C GLY A 287 25.22 -10.77 -4.56
N MET A 288 24.12 -10.10 -4.26
CA MET A 288 24.03 -9.04 -3.24
C MET A 288 23.49 -9.68 -1.96
N ASP A 289 24.39 -10.27 -1.19
CA ASP A 289 24.02 -10.94 0.04
C ASP A 289 22.92 -12.03 -0.17
N GLY A 290 22.96 -12.67 -1.35
CA GLY A 290 22.11 -13.75 -1.72
C GLY A 290 20.96 -13.32 -2.65
N TYR A 291 20.79 -12.01 -2.81
CA TYR A 291 19.71 -11.44 -3.66
C TYR A 291 20.26 -10.97 -5.00
N PHE A 292 19.34 -10.78 -5.95
CA PHE A 292 19.66 -10.00 -7.16
C PHE A 292 18.50 -9.06 -7.47
N LEU A 293 18.79 -7.92 -8.09
CA LEU A 293 17.78 -7.09 -8.70
C LEU A 293 17.77 -7.43 -10.20
N ILE A 294 16.60 -7.41 -10.78
CA ILE A 294 16.40 -7.69 -12.22
C ILE A 294 15.37 -6.68 -12.77
N ARG A 295 15.51 -6.31 -14.05
CA ARG A 295 14.60 -5.34 -14.65
C ARG A 295 13.15 -5.81 -14.50
N ARG A 296 12.30 -4.82 -14.33
CA ARG A 296 10.83 -4.98 -14.20
C ARG A 296 10.07 -4.24 -15.27
N GLY A 297 9.02 -4.89 -15.79
CA GLY A 297 8.08 -4.24 -16.71
C GLY A 297 7.89 -4.79 -18.10
N SER A 298 8.93 -5.43 -18.61
CA SER A 298 8.88 -6.04 -19.97
C SER A 298 9.32 -7.52 -19.91
N SER A 299 9.02 -8.20 -18.80
CA SER A 299 9.32 -9.62 -18.61
C SER A 299 10.77 -10.03 -19.02
N GLU A 300 11.74 -9.47 -18.30
CA GLU A 300 13.13 -9.78 -18.51
C GLU A 300 13.39 -11.25 -18.33
N CYS A 301 13.89 -11.90 -19.39
CA CYS A 301 14.16 -13.34 -19.37
C CYS A 301 12.92 -14.14 -19.00
N GLY A 302 11.74 -13.60 -19.33
CA GLY A 302 10.49 -14.29 -19.09
C GLY A 302 10.00 -14.24 -17.65
N ILE A 303 10.64 -13.45 -16.77
CA ILE A 303 10.39 -13.57 -15.35
C ILE A 303 8.95 -13.19 -14.93
N GLU A 304 8.25 -12.38 -15.73
CA GLU A 304 6.84 -11.94 -15.45
C GLU A 304 5.80 -12.87 -16.12
N ASP A 305 6.26 -13.97 -16.69
CA ASP A 305 5.36 -14.82 -17.46
C ASP A 305 4.53 -15.75 -16.61
N GLY A 306 4.91 -15.96 -15.38
CA GLY A 306 4.19 -16.86 -14.52
C GLY A 306 4.76 -16.97 -13.15
N GLY A 307 3.94 -16.66 -12.17
CA GLY A 307 4.27 -16.81 -10.75
C GLY A 307 3.32 -17.83 -10.16
N SER A 308 3.76 -18.39 -9.05
CA SER A 308 3.03 -19.46 -8.37
C SER A 308 2.89 -19.11 -6.90
N ALA A 309 1.66 -19.22 -6.37
CA ALA A 309 1.41 -18.86 -4.98
C ALA A 309 0.25 -19.64 -4.40
N GLY A 310 -0.04 -19.34 -3.16
CA GLY A 310 -1.11 -19.98 -2.43
C GLY A 310 -1.22 -19.47 -1.00
N ILE A 311 -2.20 -19.98 -0.27
CA ILE A 311 -2.51 -19.47 1.07
C ILE A 311 -2.43 -20.58 2.13
N PRO A 312 -1.41 -20.51 3.02
CA PRO A 312 -1.27 -21.52 4.11
C PRO A 312 -2.47 -21.53 5.04
N LEU A 313 -2.87 -22.70 5.53
CA LEU A 313 -4.04 -22.84 6.43
C LEU A 313 -3.52 -22.90 7.82
N SER B 56 -21.59 9.60 16.09
CA SER B 56 -21.76 10.01 14.67
C SER B 56 -23.10 9.51 14.14
N ILE B 57 -23.76 10.36 13.37
CA ILE B 57 -24.95 9.98 12.63
C ILE B 57 -24.65 9.05 11.44
N LEU B 58 -23.38 8.91 11.07
CA LEU B 58 -22.98 8.05 9.96
C LEU B 58 -22.60 6.66 10.50
N PRO B 59 -22.81 5.64 9.67
CA PRO B 59 -22.38 4.32 10.06
C PRO B 59 -20.87 4.24 10.09
N LYS B 60 -20.34 3.39 10.95
CA LYS B 60 -18.91 3.14 10.99
C LYS B 60 -18.43 2.41 9.78
N ARG B 61 -17.31 2.87 9.24
CA ARG B 61 -16.58 2.16 8.22
C ARG B 61 -16.23 0.76 8.66
N ARG B 62 -16.48 -0.17 7.76
CA ARG B 62 -15.98 -1.52 7.88
C ARG B 62 -15.03 -1.80 6.73
N PHE B 63 -13.84 -2.28 7.05
CA PHE B 63 -12.86 -2.66 6.04
C PHE B 63 -13.03 -4.11 5.61
N THR B 64 -12.81 -4.40 4.31
CA THR B 64 -12.88 -5.80 3.86
C THR B 64 -11.68 -6.54 4.44
N GLU B 65 -11.74 -7.86 4.41
CA GLU B 65 -10.61 -8.68 4.88
C GLU B 65 -9.33 -8.25 4.14
N GLU B 66 -9.41 -8.04 2.84
CA GLU B 66 -8.26 -7.64 2.02
C GLU B 66 -7.75 -6.24 2.45
N GLU B 67 -8.63 -5.27 2.58
CA GLU B 67 -8.25 -3.93 3.00
C GLU B 67 -7.55 -4.01 4.36
N ALA B 68 -8.11 -4.79 5.27
CA ALA B 68 -7.60 -4.87 6.64
C ALA B 68 -6.19 -5.40 6.77
N ARG B 69 -5.80 -6.33 5.88
CA ARG B 69 -4.47 -6.97 5.96
C ARG B 69 -3.41 -6.23 5.16
N ALA B 70 -3.78 -5.16 4.45
CA ALA B 70 -2.79 -4.37 3.69
C ALA B 70 -1.69 -3.85 4.64
N PRO B 71 -0.40 -4.10 4.32
CA PRO B 71 0.71 -3.57 5.14
C PRO B 71 0.95 -2.10 4.74
N LEU B 72 0.35 -1.20 5.51
CA LEU B 72 0.43 0.21 5.12
C LEU B 72 1.88 0.72 5.29
N PRO B 73 2.31 1.55 4.33
CA PRO B 73 3.68 2.02 4.36
C PRO B 73 3.94 3.03 5.51
N SER B 74 5.21 3.22 5.88
CA SER B 74 5.57 4.11 7.01
C SER B 74 5.26 5.59 6.74
N SER B 75 5.13 5.94 5.46
CA SER B 75 4.76 7.29 5.04
CA SER B 75 4.72 7.28 5.06
C SER B 75 3.85 7.17 3.82
N PHE B 76 2.99 8.15 3.63
CA PHE B 76 2.02 8.14 2.55
C PHE B 76 1.63 9.60 2.28
N ASP B 77 1.56 9.95 0.99
CA ASP B 77 1.11 11.27 0.60
C ASP B 77 0.08 11.05 -0.52
N SER B 78 -1.11 11.64 -0.36
CA SER B 78 -2.19 11.43 -1.35
C SER B 78 -1.80 11.93 -2.74
N ALA B 79 -1.14 13.10 -2.83
CA ALA B 79 -0.77 13.59 -4.15
C ALA B 79 0.19 12.68 -4.89
N GLU B 80 1.07 12.04 -4.15
CA GLU B 80 1.98 11.03 -4.73
C GLU B 80 1.31 9.76 -5.13
N ALA B 81 0.35 9.31 -4.31
CA ALA B 81 -0.45 8.11 -4.57
C ALA B 81 -1.31 8.24 -5.83
N TRP B 82 -1.90 9.44 -6.01
CA TRP B 82 -2.75 9.73 -7.19
C TRP B 82 -2.20 10.96 -7.93
N PRO B 83 -1.07 10.80 -8.62
CA PRO B 83 -0.42 11.93 -9.25
C PRO B 83 -1.20 12.59 -10.39
N ASN B 84 -2.19 11.91 -10.95
CA ASN B 84 -3.03 12.44 -12.00
C ASN B 84 -4.31 13.10 -11.45
N CYS B 85 -4.37 13.37 -10.13
CA CYS B 85 -5.55 13.99 -9.54
C CYS B 85 -5.18 15.41 -9.08
N PRO B 86 -5.44 16.42 -9.94
CA PRO B 86 -4.85 17.74 -9.68
C PRO B 86 -5.51 18.50 -8.56
N THR B 87 -6.72 18.11 -8.09
CA THR B 87 -7.32 18.82 -6.95
C THR B 87 -6.61 18.54 -5.63
N ILE B 88 -5.96 17.38 -5.54
CA ILE B 88 -5.38 17.02 -4.22
C ILE B 88 -4.39 18.04 -3.67
N PRO B 89 -3.41 18.49 -4.47
CA PRO B 89 -2.47 19.46 -3.90
C PRO B 89 -3.01 20.92 -3.88
N GLN B 90 -4.23 21.14 -4.31
CA GLN B 90 -4.77 22.50 -4.25
C GLN B 90 -5.26 22.85 -2.85
N ILE B 91 -4.79 23.99 -2.34
CA ILE B 91 -5.15 24.46 -0.99
C ILE B 91 -6.26 25.50 -1.10
N ALA B 92 -7.30 25.30 -0.31
CA ALA B 92 -8.44 26.16 -0.31
C ALA B 92 -8.23 27.40 0.54
N ASP B 93 -9.09 28.39 0.28
CA ASP B 93 -9.20 29.62 1.10
C ASP B 93 -10.66 29.84 1.44
N GLN B 94 -10.98 29.51 2.68
CA GLN B 94 -12.33 29.71 3.19
C GLN B 94 -12.78 31.16 3.38
N SER B 95 -11.83 32.07 3.27
CA SER B 95 -12.07 33.48 3.46
C SER B 95 -12.60 33.80 4.86
N ALA B 96 -13.25 34.95 5.00
CA ALA B 96 -13.67 35.50 6.27
C ALA B 96 -15.09 35.00 6.59
N CYS B 97 -15.18 33.68 6.81
CA CYS B 97 -16.41 32.95 7.04
C CYS B 97 -15.98 31.70 7.83
N GLY B 98 -16.76 31.31 8.82
CA GLY B 98 -16.51 30.08 9.56
C GLY B 98 -17.07 28.83 8.90
N SER B 99 -16.65 28.63 7.66
CA SER B 99 -17.12 27.54 6.80
C SER B 99 -16.16 26.40 6.64
N CYS B 100 -15.27 26.20 7.60
CA CYS B 100 -14.26 25.10 7.49
C CYS B 100 -14.97 23.79 7.21
N TRP B 101 -16.11 23.55 7.88
CA TRP B 101 -16.84 22.31 7.73
C TRP B 101 -17.23 21.99 6.29
N ALA B 102 -17.58 23.03 5.56
CA ALA B 102 -18.02 22.89 4.17
C ALA B 102 -16.86 22.87 3.16
N VAL B 103 -15.83 23.68 3.46
CA VAL B 103 -14.66 23.75 2.61
C VAL B 103 -13.84 22.44 2.65
N ALA B 104 -13.57 21.90 3.85
CA ALA B 104 -12.83 20.65 4.00
C ALA B 104 -13.62 19.52 3.32
N ALA B 105 -14.96 19.56 3.46
CA ALA B 105 -15.78 18.57 2.83
C ALA B 105 -15.68 18.63 1.30
N ALA B 106 -15.98 19.80 0.75
CA ALA B 106 -15.98 19.98 -0.70
C ALA B 106 -14.63 19.64 -1.34
N SER B 107 -13.52 20.03 -0.71
CA SER B 107 -12.19 19.70 -1.21
C SER B 107 -12.02 18.21 -1.32
N ALA B 108 -12.32 17.49 -0.22
CA ALA B 108 -12.16 16.02 -0.22
C ALA B 108 -13.08 15.34 -1.20
N MET B 109 -14.30 15.88 -1.41
CA MET B 109 -15.25 15.33 -2.38
C MET B 109 -14.72 15.49 -3.84
N SER B 110 -14.05 16.61 -4.08
CA SER B 110 -13.41 16.88 -5.32
C SER B 110 -12.30 15.79 -5.61
N ASP B 111 -11.47 15.61 -4.58
CA ASP B 111 -10.37 14.63 -4.64
C ASP B 111 -10.91 13.26 -4.92
N ARG B 112 -11.96 12.86 -4.22
CA ARG B 112 -12.53 11.52 -4.37
C ARG B 112 -13.28 11.31 -5.70
N PHE B 113 -13.75 12.40 -6.32
CA PHE B 113 -14.24 12.26 -7.68
C PHE B 113 -13.16 11.72 -8.64
N CYS B 114 -11.90 12.07 -8.32
CA CYS B 114 -10.77 11.64 -9.08
C CYS B 114 -10.26 10.29 -8.55
N THR B 115 -10.12 10.14 -7.24
CA THR B 115 -9.62 8.82 -6.77
C THR B 115 -10.55 7.61 -6.93
N MET B 116 -11.87 7.88 -6.98
CA MET B 116 -12.89 6.84 -7.09
C MET B 116 -13.96 7.03 -8.17
N GLY B 117 -14.31 8.27 -8.47
CA GLY B 117 -15.47 8.60 -9.28
C GLY B 117 -15.27 8.83 -10.80
N GLY B 118 -14.05 8.59 -11.30
CA GLY B 118 -13.81 8.65 -12.74
C GLY B 118 -13.74 10.04 -13.34
N VAL B 119 -13.63 11.06 -12.50
CA VAL B 119 -13.65 12.48 -12.93
C VAL B 119 -12.39 13.15 -12.45
N GLN B 120 -11.53 13.58 -13.37
CA GLN B 120 -10.21 14.06 -13.00
C GLN B 120 -10.21 15.40 -12.26
N ASP B 121 -11.08 16.34 -12.64
CA ASP B 121 -10.89 17.71 -12.18
C ASP B 121 -12.23 18.41 -12.04
N VAL B 122 -13.08 17.89 -11.15
CA VAL B 122 -14.32 18.61 -10.72
C VAL B 122 -14.11 19.15 -9.31
N HIS B 123 -14.26 20.47 -9.17
CA HIS B 123 -14.21 21.08 -7.85
C HIS B 123 -15.65 21.16 -7.34
N ILE B 124 -15.97 20.35 -6.33
CA ILE B 124 -17.31 20.39 -5.75
C ILE B 124 -17.47 21.74 -5.00
N SER B 125 -18.65 22.34 -5.10
CA SER B 125 -18.87 23.69 -4.59
C SER B 125 -19.08 23.77 -3.05
N ALA B 126 -18.09 24.28 -2.30
CA ALA B 126 -18.32 24.57 -0.90
C ALA B 126 -19.36 25.64 -0.69
N GLY B 127 -19.49 26.58 -1.63
CA GLY B 127 -20.48 27.67 -1.51
C GLY B 127 -21.88 27.13 -1.56
N ASP B 128 -22.12 26.17 -2.47
CA ASP B 128 -23.42 25.52 -2.55
C ASP B 128 -23.74 24.76 -1.27
N LEU B 129 -22.78 24.00 -0.77
CA LEU B 129 -22.95 23.24 0.47
C LEU B 129 -23.28 24.19 1.67
N LEU B 130 -22.46 25.25 1.78
CA LEU B 130 -22.60 26.27 2.81
C LEU B 130 -23.95 26.97 2.80
N ALA B 131 -24.41 27.32 1.61
CA ALA B 131 -25.67 28.08 1.43
C ALA B 131 -26.90 27.18 1.51
N CYS B 132 -26.77 25.96 1.06
CA CYS B 132 -27.99 25.17 0.79
C CYS B 132 -28.28 24.07 1.81
N CYS B 133 -27.26 23.55 2.48
CA CYS B 133 -27.56 22.51 3.45
C CYS B 133 -28.05 23.18 4.77
N SER B 134 -29.35 23.10 5.01
CA SER B 134 -29.99 23.74 6.16
C SER B 134 -29.75 22.94 7.43
N ASP B 135 -29.60 21.64 7.36
CA ASP B 135 -29.40 20.88 8.57
C ASP B 135 -27.92 20.60 8.94
N CYS B 136 -27.01 21.29 8.24
CA CYS B 136 -25.60 21.12 8.45
C CYS B 136 -25.08 22.04 9.56
N GLY B 137 -25.88 22.94 10.07
CA GLY B 137 -25.40 23.85 11.10
C GLY B 137 -25.81 25.29 10.81
N ASP B 138 -24.92 26.23 11.16
CA ASP B 138 -25.21 27.68 11.02
C ASP B 138 -24.26 28.40 10.03
N GLY B 139 -23.99 27.74 8.90
CA GLY B 139 -23.28 28.29 7.74
C GLY B 139 -21.94 28.91 8.11
N CYS B 140 -21.78 30.22 7.90
CA CYS B 140 -20.54 30.92 8.29
C CYS B 140 -20.26 30.95 9.78
N ASN B 141 -21.19 30.49 10.65
CA ASN B 141 -20.88 30.43 12.08
C ASN B 141 -20.62 28.99 12.52
N GLY B 142 -20.29 28.11 11.56
CA GLY B 142 -19.84 26.78 11.91
C GLY B 142 -20.92 25.75 11.55
N GLY B 143 -20.47 24.50 11.42
CA GLY B 143 -21.36 23.45 11.01
C GLY B 143 -20.76 22.07 11.22
N ASP B 144 -21.36 21.09 10.56
CA ASP B 144 -21.23 19.67 10.95
C ASP B 144 -20.75 18.82 9.78
N PRO B 145 -19.48 18.41 9.82
CA PRO B 145 -18.97 17.55 8.76
C PRO B 145 -19.81 16.33 8.40
N ASP B 146 -20.26 15.58 9.39
CA ASP B 146 -21.03 14.38 9.06
C ASP B 146 -22.29 14.74 8.24
N ARG B 147 -22.99 15.80 8.60
CA ARG B 147 -24.20 16.19 7.88
C ARG B 147 -23.86 16.68 6.45
N ALA B 148 -22.66 17.29 6.25
CA ALA B 148 -22.24 17.64 4.94
C ALA B 148 -22.14 16.46 3.99
N TRP B 149 -21.50 15.39 4.44
CA TRP B 149 -21.34 14.20 3.62
C TRP B 149 -22.70 13.54 3.40
N ALA B 150 -23.59 13.54 4.40
CA ALA B 150 -24.94 13.06 4.20
C ALA B 150 -25.71 13.85 3.13
N TYR B 151 -25.54 15.17 3.09
CA TYR B 151 -26.17 16.01 2.10
C TYR B 151 -25.67 15.66 0.67
N PHE B 152 -24.37 15.42 0.53
CA PHE B 152 -23.76 15.05 -0.72
C PHE B 152 -24.35 13.72 -1.25
N SER B 153 -24.78 12.86 -0.34
CA SER B 153 -25.40 11.60 -0.78
CA SER B 153 -25.39 11.59 -0.74
C SER B 153 -26.91 11.73 -1.04
N SER B 154 -27.59 12.57 -0.32
CA SER B 154 -29.08 12.65 -0.43
C SER B 154 -29.61 13.69 -1.41
N THR B 155 -28.96 14.82 -1.50
CA THR B 155 -29.35 15.97 -2.32
C THR B 155 -28.37 16.13 -3.49
N GLY B 156 -27.10 15.95 -3.20
CA GLY B 156 -26.03 16.25 -4.19
C GLY B 156 -25.64 17.73 -4.19
N LEU B 157 -24.52 18.00 -4.86
CA LEU B 157 -23.90 19.33 -4.89
C LEU B 157 -23.51 19.61 -6.32
N VAL B 158 -23.49 20.86 -6.66
CA VAL B 158 -22.98 21.32 -7.97
C VAL B 158 -21.49 21.58 -7.82
N SER B 159 -20.83 21.87 -8.95
CA SER B 159 -19.44 22.25 -8.95
C SER B 159 -19.23 23.72 -8.70
N ASP B 160 -17.97 24.11 -8.46
CA ASP B 160 -17.63 25.52 -8.31
C ASP B 160 -17.62 26.29 -9.57
N TYR B 161 -17.78 25.62 -10.72
CA TYR B 161 -18.02 26.30 -11.99
C TYR B 161 -19.43 26.83 -12.03
N CYS B 162 -20.38 26.03 -11.53
CA CYS B 162 -21.76 26.43 -11.39
C CYS B 162 -22.00 27.42 -10.22
N GLN B 163 -21.34 27.14 -9.10
CA GLN B 163 -21.49 27.99 -7.89
C GLN B 163 -20.07 28.29 -7.33
N PRO B 164 -19.45 29.33 -7.89
CA PRO B 164 -18.14 29.72 -7.38
C PRO B 164 -18.17 30.14 -5.92
N TYR B 165 -17.08 29.91 -5.23
CA TYR B 165 -16.99 30.30 -3.79
C TYR B 165 -17.14 31.81 -3.74
N PRO B 166 -18.06 32.29 -2.91
CA PRO B 166 -18.51 33.68 -3.08
C PRO B 166 -17.63 34.71 -2.40
N PHE B 167 -16.61 34.25 -1.69
CA PHE B 167 -15.80 35.17 -0.85
C PHE B 167 -14.35 35.13 -1.34
N PRO B 168 -13.67 36.27 -1.37
CA PRO B 168 -12.32 36.39 -1.91
C PRO B 168 -11.21 35.96 -0.99
N HIS B 169 -10.02 35.80 -1.55
CA HIS B 169 -8.84 35.52 -0.76
C HIS B 169 -8.64 36.64 0.28
N CYS B 170 -8.22 36.21 1.45
CA CYS B 170 -7.81 37.11 2.48
C CYS B 170 -6.75 36.47 3.37
N SER B 171 -6.02 37.31 4.13
CA SER B 171 -4.91 36.84 4.92
C SER B 171 -5.39 36.45 6.28
N HIS B 172 -5.19 35.17 6.63
CA HIS B 172 -5.73 34.63 7.85
C HIS B 172 -5.29 35.16 9.23
C HIS B 172 -4.53 34.65 8.85
N HIS B 173 -4.06 34.96 9.60
N HIS B 173 -4.63 35.37 9.93
CA HIS B 173 -3.59 35.27 10.94
C HIS B 173 -2.15 35.69 10.59
N SER B 174 -1.98 36.48 9.53
CA SER B 174 -0.64 36.97 9.13
C SER B 174 -0.83 38.04 8.08
N LYS B 175 0.28 38.67 7.70
CA LYS B 175 0.34 39.54 6.51
C LYS B 175 0.40 38.71 5.28
N SER B 176 -0.01 39.30 4.16
CA SER B 176 0.07 38.61 2.85
C SER B 176 1.25 39.15 2.04
N LYS B 177 1.88 38.23 1.31
CA LYS B 177 2.87 38.52 0.26
C LYS B 177 2.23 38.55 -1.13
N ASN B 178 0.97 38.13 -1.21
CA ASN B 178 0.22 38.10 -2.48
C ASN B 178 -0.80 39.24 -2.63
N GLY B 179 -0.71 40.24 -1.77
CA GLY B 179 -1.62 41.37 -1.83
C GLY B 179 -3.01 41.23 -1.26
N TYR B 180 -3.28 40.11 -0.61
CA TYR B 180 -4.58 39.92 -0.03
C TYR B 180 -4.77 40.82 1.19
N PRO B 181 -5.98 41.39 1.35
CA PRO B 181 -6.22 42.16 2.58
C PRO B 181 -6.46 41.19 3.75
N PRO B 182 -6.31 41.68 4.98
CA PRO B 182 -6.55 40.80 6.12
C PRO B 182 -7.98 40.34 6.21
N CYS B 183 -8.18 39.08 6.57
CA CYS B 183 -9.52 38.59 6.78
C CYS B 183 -10.33 39.40 7.80
N SER B 184 -9.62 39.92 8.81
CA SER B 184 -10.22 40.77 9.86
C SER B 184 -11.00 41.97 9.33
N GLN B 185 -10.69 42.42 8.11
CA GLN B 185 -11.39 43.50 7.43
C GLN B 185 -12.79 43.18 6.91
N PHE B 186 -13.16 41.91 6.82
CA PHE B 186 -14.37 41.56 6.10
C PHE B 186 -15.46 41.09 7.01
N ASN B 187 -16.71 41.40 6.62
CA ASN B 187 -17.90 41.10 7.42
C ASN B 187 -18.90 40.29 6.56
N PHE B 188 -18.78 38.97 6.58
CA PHE B 188 -19.57 38.09 5.66
C PHE B 188 -20.57 37.18 6.34
N ASP B 189 -21.77 37.27 5.81
CA ASP B 189 -22.85 36.43 6.26
C ASP B 189 -22.96 35.23 5.32
N THR B 190 -23.63 34.19 5.83
CA THR B 190 -23.88 32.94 5.08
C THR B 190 -24.62 33.34 3.80
N PRO B 191 -24.12 32.95 2.64
CA PRO B 191 -24.79 33.29 1.40
C PRO B 191 -26.15 32.56 1.24
N LYS B 192 -27.06 33.13 0.47
CA LYS B 192 -28.34 32.46 0.13
C LYS B 192 -28.15 31.33 -0.91
N CYS B 193 -28.98 30.31 -0.80
CA CYS B 193 -28.99 29.17 -1.73
C CYS B 193 -29.67 29.64 -3.03
N ASP B 194 -29.13 29.27 -4.18
CA ASP B 194 -29.63 29.65 -5.47
C ASP B 194 -30.32 28.46 -6.19
N TYR B 195 -31.30 28.79 -7.01
CA TYR B 195 -31.99 27.80 -7.81
C TYR B 195 -31.19 27.44 -9.09
N THR B 196 -30.23 28.28 -9.44
CA THR B 196 -29.46 28.10 -10.70
C THR B 196 -27.98 28.25 -10.42
N CYS B 197 -27.18 28.00 -11.45
CA CYS B 197 -25.76 28.42 -11.41
C CYS B 197 -25.72 29.94 -11.28
N ASP B 198 -24.60 30.45 -10.75
CA ASP B 198 -24.48 31.88 -10.43
C ASP B 198 -24.62 32.65 -11.77
N ASP B 199 -23.97 32.15 -12.81
CA ASP B 199 -24.26 32.52 -14.22
C ASP B 199 -25.31 31.50 -14.70
N PRO B 200 -26.58 31.92 -14.86
CA PRO B 200 -27.66 30.95 -15.17
C PRO B 200 -27.61 30.34 -16.53
N THR B 201 -26.71 30.83 -17.40
CA THR B 201 -26.52 30.20 -18.72
C THR B 201 -25.66 28.92 -18.66
N ILE B 202 -24.97 28.72 -17.54
CA ILE B 202 -24.25 27.45 -17.27
C ILE B 202 -25.27 26.42 -16.73
N PRO B 203 -25.40 25.30 -17.40
CA PRO B 203 -26.35 24.28 -16.89
C PRO B 203 -25.94 23.69 -15.56
N VAL B 204 -26.95 23.47 -14.70
CA VAL B 204 -26.75 22.75 -13.43
C VAL B 204 -26.34 21.30 -13.70
N VAL B 205 -25.21 20.89 -13.13
CA VAL B 205 -24.79 19.48 -13.14
C VAL B 205 -24.66 19.03 -11.69
N ASN B 206 -25.42 17.98 -11.32
CA ASN B 206 -25.53 17.56 -9.92
C ASN B 206 -24.58 16.40 -9.74
N TYR B 207 -23.74 16.48 -8.71
CA TYR B 207 -22.76 15.45 -8.33
C TYR B 207 -23.18 14.85 -6.97
N ARG B 208 -23.17 13.53 -6.83
CA ARG B 208 -23.61 12.91 -5.58
C ARG B 208 -22.69 11.76 -5.24
N SER B 209 -22.70 11.42 -3.95
CA SER B 209 -22.23 10.14 -3.49
C SER B 209 -23.31 9.11 -3.28
N TRP B 210 -22.92 7.86 -3.16
CA TRP B 210 -23.87 6.76 -2.87
C TRP B 210 -23.84 6.22 -1.46
N THR B 211 -22.83 6.60 -0.68
CA THR B 211 -22.71 6.12 0.69
C THR B 211 -21.81 7.08 1.45
N SER B 212 -21.99 7.11 2.76
CA SER B 212 -21.19 7.94 3.69
C SER B 212 -20.89 7.14 4.88
N TYR B 213 -19.77 7.44 5.53
CA TYR B 213 -19.38 6.70 6.72
C TYR B 213 -18.39 7.46 7.59
N ALA B 214 -18.31 7.01 8.84
CA ALA B 214 -17.42 7.59 9.85
C ALA B 214 -16.18 6.72 10.06
N LEU B 215 -15.12 7.40 10.34
CA LEU B 215 -13.81 6.81 10.65
C LEU B 215 -13.41 7.27 12.07
N GLN B 216 -12.72 6.38 12.80
CA GLN B 216 -12.20 6.72 14.11
C GLN B 216 -10.92 5.94 14.39
N GLY B 217 -9.94 6.66 14.88
CA GLY B 217 -8.68 6.11 15.31
C GLY B 217 -7.64 6.05 14.21
N GLU B 218 -6.39 5.85 14.63
CA GLU B 218 -5.22 5.92 13.74
C GLU B 218 -5.31 4.94 12.57
N ASP B 219 -5.62 3.67 12.88
CA ASP B 219 -5.66 2.68 11.79
C ASP B 219 -6.73 2.94 10.78
N ASP B 220 -7.95 3.20 11.24
CA ASP B 220 -9.02 3.60 10.35
C ASP B 220 -8.57 4.72 9.43
N TYR B 221 -8.01 5.77 10.01
CA TYR B 221 -7.58 6.94 9.19
C TYR B 221 -6.55 6.55 8.11
N MET B 222 -5.48 5.89 8.53
CA MET B 222 -4.46 5.46 7.58
C MET B 222 -5.02 4.60 6.46
N ARG B 223 -5.80 3.61 6.85
CA ARG B 223 -6.27 2.60 5.92
C ARG B 223 -7.27 3.19 4.93
N GLU B 224 -8.16 4.07 5.42
CA GLU B 224 -9.11 4.74 4.54
C GLU B 224 -8.37 5.67 3.56
N LEU B 225 -7.45 6.48 4.06
CA LEU B 225 -6.64 7.36 3.23
C LEU B 225 -5.95 6.55 2.11
N PHE B 226 -5.29 5.48 2.47
CA PHE B 226 -4.53 4.63 1.55
C PHE B 226 -5.43 4.15 0.41
N PHE B 227 -6.60 3.58 0.73
CA PHE B 227 -7.48 3.02 -0.27
C PHE B 227 -8.26 4.03 -1.08
N ARG B 228 -8.69 5.10 -0.43
CA ARG B 228 -9.75 5.95 -1.01
C ARG B 228 -9.40 7.43 -1.11
N GLY B 229 -8.37 7.90 -0.40
CA GLY B 229 -7.89 9.26 -0.55
C GLY B 229 -8.42 10.19 0.53
N PRO B 230 -8.12 11.48 0.38
CA PRO B 230 -8.43 12.47 1.39
C PRO B 230 -9.86 12.46 1.89
N PHE B 231 -10.02 12.77 3.17
CA PHE B 231 -11.31 12.90 3.81
C PHE B 231 -11.23 13.94 4.91
N GLU B 232 -12.38 14.21 5.56
CA GLU B 232 -12.51 15.32 6.49
C GLU B 232 -12.35 14.84 7.96
N VAL B 233 -11.55 15.58 8.74
CA VAL B 233 -11.37 15.34 10.16
C VAL B 233 -11.58 16.63 10.91
N ALA B 234 -11.67 16.56 12.22
CA ALA B 234 -11.84 17.76 13.00
C ALA B 234 -10.97 17.64 14.27
N PHE B 235 -10.55 18.81 14.79
CA PHE B 235 -9.73 18.89 15.98
C PHE B 235 -10.01 20.16 16.72
N ASP B 236 -9.55 20.23 17.97
CA ASP B 236 -9.71 21.43 18.82
C ASP B 236 -8.55 22.38 18.59
N VAL B 237 -8.85 23.60 18.15
CA VAL B 237 -7.87 24.61 17.90
C VAL B 237 -7.67 25.41 19.18
N TYR B 238 -6.41 25.44 19.58
CA TYR B 238 -5.92 26.31 20.69
C TYR B 238 -5.07 27.44 20.10
N GLU B 239 -4.82 28.49 20.89
CA GLU B 239 -4.08 29.63 20.38
C GLU B 239 -2.69 29.32 19.84
N ASP B 240 -1.99 28.31 20.38
CA ASP B 240 -0.65 27.97 19.87
C ASP B 240 -0.61 27.37 18.47
N PHE B 241 -1.78 27.02 17.92
CA PHE B 241 -1.92 26.49 16.54
C PHE B 241 -1.82 27.61 15.50
N ILE B 242 -2.28 28.80 15.87
CA ILE B 242 -2.48 29.88 14.89
C ILE B 242 -1.17 30.31 14.18
N ALA B 243 -0.08 30.41 14.93
CA ALA B 243 1.20 30.83 14.39
C ALA B 243 2.10 29.66 13.90
N TYR B 244 1.54 28.46 13.77
CA TYR B 244 2.30 27.31 13.32
C TYR B 244 2.98 27.65 11.97
N ASN B 245 4.24 27.26 11.82
CA ASN B 245 4.92 27.29 10.51
C ASN B 245 5.82 26.09 10.21
N SER B 246 6.07 25.19 11.15
CA SER B 246 7.00 24.08 10.85
C SER B 246 6.95 23.05 11.96
N GLY B 247 7.49 21.88 11.68
CA GLY B 247 7.52 20.77 12.63
C GLY B 247 6.17 20.09 12.80
N VAL B 248 6.15 19.28 13.85
CA VAL B 248 4.96 18.49 14.18
C VAL B 248 4.25 19.15 15.33
N TYR B 249 3.10 19.75 15.03
CA TYR B 249 2.28 20.40 16.01
C TYR B 249 1.76 19.47 17.07
N HIS B 250 1.86 19.94 18.32
CA HIS B 250 1.02 19.45 19.43
C HIS B 250 0.72 20.61 20.39
N HIS B 251 -0.41 20.53 21.09
CA HIS B 251 -0.84 21.61 21.93
C HIS B 251 -0.08 21.59 23.23
N VAL B 252 0.50 22.74 23.57
CA VAL B 252 1.24 22.93 24.79
C VAL B 252 0.69 24.15 25.56
N SER B 253 0.38 25.23 24.80
CA SER B 253 -0.05 26.47 25.46
C SER B 253 -1.16 27.18 24.72
N GLY B 254 -1.81 28.16 25.38
CA GLY B 254 -2.85 28.98 24.76
C GLY B 254 -4.25 28.41 25.02
N GLN B 255 -5.26 29.27 24.87
CA GLN B 255 -6.65 28.95 25.14
C GLN B 255 -7.32 28.26 23.93
N TYR B 256 -8.36 27.50 24.21
CA TYR B 256 -9.22 26.94 23.15
C TYR B 256 -9.94 28.03 22.36
N LEU B 257 -10.02 27.90 21.06
CA LEU B 257 -10.65 28.87 20.16
C LEU B 257 -11.90 28.29 19.47
N GLY B 258 -11.99 26.95 19.33
CA GLY B 258 -13.15 26.30 18.70
C GLY B 258 -12.71 25.04 17.98
N GLY B 259 -13.66 24.30 17.47
CA GLY B 259 -13.34 23.14 16.65
C GLY B 259 -13.11 23.55 15.21
N HIS B 260 -12.23 22.80 14.56
CA HIS B 260 -11.82 23.14 13.16
C HIS B 260 -11.80 21.86 12.33
N ALA B 261 -12.47 21.92 11.19
CA ALA B 261 -12.55 20.82 10.26
C ALA B 261 -11.58 21.07 9.12
N VAL B 262 -10.83 20.01 8.75
CA VAL B 262 -9.71 20.09 7.84
C VAL B 262 -9.65 18.80 7.01
N ARG B 263 -8.75 18.79 6.03
CA ARG B 263 -8.65 17.69 5.06
C ARG B 263 -7.36 16.92 5.29
N LEU B 264 -7.50 15.64 5.71
CA LEU B 264 -6.36 14.78 5.91
C LEU B 264 -5.80 14.29 4.55
N VAL B 265 -4.47 14.38 4.36
CA VAL B 265 -3.87 14.00 3.11
C VAL B 265 -2.71 13.00 3.18
N GLY B 266 -2.09 12.82 4.37
CA GLY B 266 -0.92 11.94 4.40
C GLY B 266 -0.50 11.64 5.84
N TRP B 267 0.57 10.84 5.96
CA TRP B 267 1.19 10.58 7.26
C TRP B 267 2.68 10.33 7.05
N GLY B 268 3.42 10.43 8.15
CA GLY B 268 4.84 10.12 8.10
C GLY B 268 5.39 10.11 9.49
N THR B 269 6.69 10.11 9.59
CA THR B 269 7.35 10.20 10.89
C THR B 269 8.56 11.13 10.71
N SER B 270 8.79 11.95 11.72
CA SER B 270 9.88 12.94 11.69
C SER B 270 10.65 12.65 12.97
N ASN B 271 11.83 12.02 12.84
CA ASN B 271 12.71 11.73 13.96
C ASN B 271 12.02 10.98 15.07
N GLY B 272 11.34 9.89 14.71
CA GLY B 272 10.69 9.05 15.71
C GLY B 272 9.36 9.61 16.22
N VAL B 273 8.93 10.78 15.71
CA VAL B 273 7.62 11.38 16.04
C VAL B 273 6.60 11.15 14.86
N PRO B 274 5.60 10.26 15.04
CA PRO B 274 4.58 10.03 14.01
C PRO B 274 3.72 11.26 13.82
N TYR B 275 3.39 11.60 12.56
CA TYR B 275 2.50 12.71 12.29
C TYR B 275 1.47 12.40 11.16
N TRP B 276 0.45 13.26 11.13
CA TRP B 276 -0.45 13.45 10.03
C TRP B 276 -0.07 14.70 9.25
N LYS B 277 -0.27 14.62 7.92
CA LYS B 277 -0.18 15.80 7.06
C LYS B 277 -1.59 16.24 6.69
N ILE B 278 -1.89 17.51 7.01
CA ILE B 278 -3.26 18.04 6.88
C ILE B 278 -3.25 19.31 6.03
N ALA B 279 -4.19 19.37 5.09
CA ALA B 279 -4.42 20.58 4.34
C ALA B 279 -5.39 21.50 5.05
N ASN B 280 -4.91 22.67 5.49
CA ASN B 280 -5.80 23.69 6.06
C ASN B 280 -6.47 24.44 4.90
N SER B 281 -7.38 25.34 5.29
CA SER B 281 -8.17 26.12 4.36
C SER B 281 -7.93 27.63 4.53
N TRP B 282 -6.68 27.97 4.84
CA TRP B 282 -6.28 29.36 5.15
C TRP B 282 -5.33 29.88 4.05
N ASN B 283 -5.44 29.31 2.85
CA ASN B 283 -4.59 29.60 1.66
C ASN B 283 -3.15 29.09 1.82
N THR B 284 -2.35 29.22 0.73
CA THR B 284 -1.04 28.68 0.71
C THR B 284 -0.03 29.47 1.58
N GLU B 285 -0.41 30.67 2.03
CA GLU B 285 0.51 31.49 2.79
C GLU B 285 0.62 31.14 4.26
N TRP B 286 -0.36 30.39 4.77
CA TRP B 286 -0.37 29.93 6.15
C TRP B 286 0.40 28.62 6.30
N GLY B 287 1.11 28.46 7.43
CA GLY B 287 1.69 27.13 7.70
C GLY B 287 2.79 26.79 6.72
N MET B 288 2.87 25.52 6.37
CA MET B 288 3.89 24.97 5.48
C MET B 288 3.18 24.89 4.09
N ASP B 289 3.21 26.01 3.39
CA ASP B 289 2.53 26.12 2.10
C ASP B 289 1.02 25.73 2.13
N GLY B 290 0.37 26.02 3.26
CA GLY B 290 -1.05 25.76 3.45
C GLY B 290 -1.31 24.50 4.23
N TYR B 291 -0.28 23.72 4.53
CA TYR B 291 -0.43 22.44 5.26
C TYR B 291 0.09 22.59 6.68
N PHE B 292 -0.29 21.64 7.52
CA PHE B 292 0.42 21.46 8.79
C PHE B 292 0.59 19.98 9.08
N LEU B 293 1.63 19.69 9.88
CA LEU B 293 1.81 18.35 10.43
C LEU B 293 1.35 18.42 11.87
N ILE B 294 0.71 17.35 12.32
CA ILE B 294 0.25 17.21 13.68
C ILE B 294 0.55 15.83 14.18
N ARG B 295 0.84 15.70 15.49
CA ARG B 295 1.12 14.35 16.06
C ARG B 295 0.02 13.36 15.79
N ARG B 296 0.43 12.14 15.49
CA ARG B 296 -0.38 10.98 15.19
C ARG B 296 -0.22 9.89 16.27
N GLY B 297 -1.35 9.33 16.66
CA GLY B 297 -1.39 8.05 17.38
C GLY B 297 -2.12 8.10 18.71
N SER B 298 -2.25 9.31 19.28
CA SER B 298 -2.90 9.48 20.59
C SER B 298 -3.98 10.58 20.58
N SER B 299 -4.61 10.70 19.43
CA SER B 299 -5.65 11.70 19.17
C SER B 299 -5.31 13.10 19.73
N GLU B 300 -4.24 13.69 19.17
CA GLU B 300 -3.82 15.04 19.44
C GLU B 300 -4.92 16.07 19.15
N CYS B 301 -5.29 16.83 20.18
CA CYS B 301 -6.42 17.77 20.07
C CYS B 301 -7.68 17.09 19.55
N GLY B 302 -7.84 15.79 19.84
CA GLY B 302 -9.07 15.10 19.41
C GLY B 302 -9.14 14.71 17.94
N ILE B 303 -8.04 14.85 17.20
CA ILE B 303 -8.10 14.81 15.74
C ILE B 303 -8.42 13.41 15.19
N GLU B 304 -8.19 12.35 16.01
CA GLU B 304 -8.52 10.95 15.60
C GLU B 304 -9.89 10.49 16.09
N ASP B 305 -10.67 11.41 16.67
CA ASP B 305 -11.93 11.04 17.27
C ASP B 305 -13.05 10.81 16.27
N GLY B 306 -12.93 11.36 15.06
CA GLY B 306 -13.98 11.20 14.10
C GLY B 306 -13.68 11.87 12.79
N GLY B 307 -13.69 11.06 11.75
CA GLY B 307 -13.55 11.51 10.39
C GLY B 307 -14.83 11.23 9.65
N SER B 308 -15.02 11.95 8.54
CA SER B 308 -16.22 11.87 7.69
C SER B 308 -15.75 11.64 6.26
N ALA B 309 -16.40 10.68 5.60
CA ALA B 309 -16.09 10.33 4.21
C ALA B 309 -17.27 9.71 3.48
N GLY B 310 -17.07 9.42 2.21
CA GLY B 310 -18.10 8.83 1.34
C GLY B 310 -17.52 8.54 -0.03
N ILE B 311 -18.33 7.92 -0.89
CA ILE B 311 -17.88 7.47 -2.18
C ILE B 311 -18.68 8.15 -3.30
N PRO B 312 -18.06 9.08 -4.03
CA PRO B 312 -18.73 9.64 -5.20
C PRO B 312 -19.22 8.61 -6.20
N LEU B 313 -20.38 8.89 -6.77
CA LEU B 313 -20.96 8.11 -7.84
C LEU B 313 -20.52 8.69 -9.16
N ALA B 314 -19.89 7.82 -9.97
CA ALA B 314 -19.48 8.26 -11.30
C ALA B 314 -20.68 8.75 -12.11
N PRO B 315 -20.54 9.87 -12.79
CA PRO B 315 -21.63 10.38 -13.68
C PRO B 315 -22.06 9.43 -14.81
#